data_5YIX
#
_entry.id   5YIX
#
_cell.length_a   65.199
_cell.length_b   65.199
_cell.length_c   397.934
_cell.angle_alpha   90.00
_cell.angle_beta   90.00
_cell.angle_gamma   120.00
#
_symmetry.space_group_name_H-M   'P 65 2 2'
#
loop_
_entity.id
_entity.type
_entity.pdbx_description
1 polymer 'RNA polymerase sigma factor RpoD'
2 polymer 'Cell cycle regulatory protein GcrA'
3 non-polymer (R,R)-2,3-BUTANEDIOL
4 non-polymer 'ZINC ION'
5 water water
#
loop_
_entity_poly.entity_id
_entity_poly.type
_entity_poly.pdbx_seq_one_letter_code
_entity_poly.pdbx_strand_id
1 'polypeptide(L)'
;GLLSREGEIAIAKRIEAGRDTMIRGLCESALTFEAIMVWREELGTGRILLREVIDLEGTYAAINGVAAQPAAEDDEGPAE
PVDDEAGEAKAEGAEGEDEDDFDDGAGPTVSAMEGELREGVMAILDAIASEFEAFRKLQDKLVGSRLKGEDLSDADRKAY
EGLSATIIQHLKTLKLNNNRIEALVEQLYAINKRLIGLEGRLLRLADSYGISRGEFLKAYFGSELNPTWSEQVKAMGVRW
TKFVENDSQSVTDIRSEIAALATETGVPIDDYRRIVQTVQKGEREARQAKKEMVEANLRLVISIAKKYTNRGLQFLDLIQ
EGNIGLMKAVDKFEYRRGYKFSTYATWWIRQAITRSIADQA
;
A
2 'polypeptide(L)'
;GAMDVPVAAAPAPLPAFRHEEPGSATVLTLGAHMCKWPIGDPSSEGFTFCGRRSSEGPYCVEHARVAYQPQQTKKKSGGA
ELARSLRRYI
;
B
#
loop_
_chem_comp.id
_chem_comp.type
_chem_comp.name
_chem_comp.formula
BU3 non-polymer (R,R)-2,3-BUTANEDIOL 'C4 H10 O2'
ZN non-polymer 'ZINC ION' 'Zn 2'
#
# COMPACT_ATOMS: atom_id res chain seq x y z
N LEU A 2 -10.41 7.97 -25.44
CA LEU A 2 -10.18 9.26 -24.78
C LEU A 2 -8.71 9.46 -24.36
N LEU A 3 -8.01 8.41 -23.96
CA LEU A 3 -6.62 8.60 -23.53
C LEU A 3 -5.62 8.51 -24.68
N SER A 4 -4.63 9.39 -24.68
CA SER A 4 -3.48 9.20 -25.56
C SER A 4 -2.57 8.15 -24.95
N ARG A 5 -1.58 7.68 -25.71
CA ARG A 5 -0.60 6.75 -25.15
C ARG A 5 0.10 7.36 -23.93
N GLU A 6 0.34 8.66 -23.99
CA GLU A 6 0.97 9.39 -22.88
C GLU A 6 0.06 9.43 -21.64
N GLY A 7 -1.26 9.50 -21.86
CA GLY A 7 -2.22 9.48 -20.75
C GLY A 7 -2.26 8.12 -20.08
N GLU A 8 -2.19 7.08 -20.90
CA GLU A 8 -2.11 5.72 -20.41
C GLU A 8 -0.85 5.53 -19.56
N ILE A 9 0.27 6.04 -20.05
CA ILE A 9 1.52 5.94 -19.33
C ILE A 9 1.42 6.71 -18.01
N ALA A 10 0.86 7.92 -18.07
CA ALA A 10 0.77 8.77 -16.88
C ALA A 10 -0.05 8.08 -15.78
N ILE A 11 -1.12 7.43 -16.21
CA ILE A 11 -1.94 6.69 -15.29
C ILE A 11 -1.18 5.51 -14.71
N ALA A 12 -0.51 4.73 -15.57
CA ALA A 12 0.30 3.61 -15.07
C ALA A 12 1.30 4.10 -14.02
N LYS A 13 1.97 5.21 -14.29
CA LYS A 13 2.98 5.76 -13.40
C LYS A 13 2.38 6.20 -12.08
N ARG A 14 1.19 6.79 -12.11
CA ARG A 14 0.55 7.22 -10.87
C ARG A 14 0.16 5.98 -10.05
N ILE A 15 -0.37 4.97 -10.71
CA ILE A 15 -0.69 3.74 -10.01
C ILE A 15 0.54 3.14 -9.35
N GLU A 16 1.64 3.10 -10.10
CA GLU A 16 2.85 2.51 -9.60
C GLU A 16 3.39 3.32 -8.43
N ALA A 17 3.27 4.64 -8.51
CA ALA A 17 3.76 5.51 -7.43
C ALA A 17 2.91 5.36 -6.16
N GLY A 18 1.60 5.26 -6.33
CA GLY A 18 0.70 5.08 -5.21
C GLY A 18 1.00 3.76 -4.51
N ARG A 19 1.07 2.71 -5.32
CA ARG A 19 1.49 1.39 -4.84
C ARG A 19 2.81 1.45 -4.09
N ASP A 20 3.82 2.11 -4.66
CA ASP A 20 5.13 2.23 -4.00
C ASP A 20 4.99 2.94 -2.65
N THR A 21 4.15 3.96 -2.58
CA THR A 21 3.96 4.68 -1.34
C THR A 21 3.34 3.72 -0.31
N MET A 22 2.40 2.89 -0.76
CA MET A 22 1.78 1.89 0.11
C MET A 22 2.81 0.90 0.64
N ILE A 23 3.62 0.36 -0.26
CA ILE A 23 4.66 -0.59 0.14
C ILE A 23 5.65 0.06 1.10
N ARG A 24 5.98 1.32 0.82
CA ARG A 24 6.91 2.09 1.61
C ARG A 24 6.40 2.16 3.05
N GLY A 25 5.11 2.46 3.22
CA GLY A 25 4.52 2.52 4.54
C GLY A 25 4.41 1.15 5.20
N LEU A 26 3.95 0.18 4.42
CA LEU A 26 3.84 -1.19 4.88
C LEU A 26 5.15 -1.82 5.36
N CYS A 27 6.27 -1.48 4.76
CA CYS A 27 7.53 -2.16 5.07
C CYS A 27 8.10 -1.74 6.44
N GLU A 28 7.58 -0.65 6.98
CA GLU A 28 7.96 -0.21 8.31
C GLU A 28 7.34 -1.10 9.39
N SER A 29 6.22 -1.73 9.07
CA SER A 29 5.53 -2.57 10.02
C SER A 29 6.06 -3.99 10.03
N ALA A 30 6.22 -4.55 11.21
CA ALA A 30 6.71 -5.92 11.36
C ALA A 30 5.73 -6.92 10.78
N LEU A 31 4.44 -6.62 10.90
CA LEU A 31 3.41 -7.53 10.42
C LEU A 31 3.51 -7.82 8.91
N THR A 32 3.94 -6.84 8.12
CA THR A 32 3.94 -7.10 6.68
C THR A 32 4.98 -8.15 6.35
N PHE A 33 6.12 -8.08 7.03
CA PHE A 33 7.13 -9.08 6.78
C PHE A 33 6.89 -10.41 7.51
N GLU A 34 6.16 -10.38 8.62
CA GLU A 34 5.74 -11.65 9.20
C GLU A 34 4.80 -12.37 8.22
N ALA A 35 3.93 -11.59 7.57
CA ALA A 35 2.99 -12.10 6.59
C ALA A 35 3.75 -12.72 5.42
N ILE A 36 4.74 -11.98 4.92
CA ILE A 36 5.55 -12.51 3.84
C ILE A 36 6.33 -13.76 4.25
N MET A 37 6.78 -13.83 5.49
CA MET A 37 7.42 -15.05 5.98
C MET A 37 6.47 -16.23 6.03
N VAL A 38 5.24 -16.00 6.47
CA VAL A 38 4.22 -17.04 6.45
C VAL A 38 3.96 -17.51 5.02
N TRP A 39 3.86 -16.57 4.08
CA TRP A 39 3.59 -16.95 2.70
C TRP A 39 4.75 -17.79 2.13
N ARG A 40 5.98 -17.41 2.46
CA ARG A 40 7.14 -18.21 2.07
C ARG A 40 6.99 -19.63 2.58
N GLU A 41 6.68 -19.73 3.87
CA GLU A 41 6.39 -21.00 4.53
C GLU A 41 5.36 -21.83 3.77
N GLU A 42 4.17 -21.27 3.59
CA GLU A 42 3.06 -22.00 2.98
C GLU A 42 3.35 -22.37 1.52
N LEU A 43 4.20 -21.60 0.85
CA LEU A 43 4.61 -21.97 -0.50
C LEU A 43 5.53 -23.19 -0.43
N GLY A 44 6.50 -23.14 0.48
CA GLY A 44 7.46 -24.21 0.63
C GLY A 44 6.83 -25.56 0.93
N THR A 45 5.63 -25.56 1.49
CA THR A 45 4.97 -26.79 1.91
C THR A 45 3.72 -27.08 1.10
N GLY A 46 3.51 -26.35 0.02
CA GLY A 46 2.37 -26.55 -0.84
C GLY A 46 1.05 -26.18 -0.18
N ARG A 47 1.08 -25.48 0.94
CA ARG A 47 -0.17 -25.06 1.55
C ARG A 47 -0.86 -24.05 0.63
N ILE A 48 -0.07 -23.13 0.07
CA ILE A 48 -0.62 -22.25 -0.96
C ILE A 48 0.17 -22.35 -2.26
N LEU A 49 -0.44 -21.84 -3.32
CA LEU A 49 0.11 -21.93 -4.66
C LEU A 49 0.80 -20.63 -5.02
N LEU A 50 1.76 -20.71 -5.93
CA LEU A 50 2.54 -19.56 -6.36
C LEU A 50 1.61 -18.43 -6.82
N ARG A 51 0.53 -18.81 -7.51
CA ARG A 51 -0.40 -17.84 -8.11
C ARG A 51 -1.15 -16.96 -7.09
N GLU A 52 -1.20 -17.39 -5.84
CA GLU A 52 -1.90 -16.62 -4.81
C GLU A 52 -0.98 -15.58 -4.17
N VAL A 53 0.33 -15.81 -4.19
CA VAL A 53 1.29 -14.88 -3.64
C VAL A 53 1.73 -13.79 -4.62
N ILE A 54 2.07 -14.18 -5.85
CA ILE A 54 2.53 -13.20 -6.83
C ILE A 54 1.50 -12.93 -7.90
N ASP A 55 1.73 -11.88 -8.66
CA ASP A 55 1.07 -11.65 -9.94
C ASP A 55 1.67 -12.62 -10.97
N LEU A 56 1.05 -13.78 -11.13
CA LEU A 56 1.63 -14.83 -11.96
C LEU A 56 1.86 -14.44 -13.42
N GLU A 57 0.80 -13.98 -14.08
CA GLU A 57 0.90 -13.61 -15.49
C GLU A 57 1.82 -12.40 -15.71
N GLY A 58 1.76 -11.41 -14.83
CA GLY A 58 2.68 -10.28 -14.89
C GLY A 58 4.16 -10.69 -14.83
N THR A 59 4.48 -11.57 -13.87
CA THR A 59 5.86 -12.03 -13.68
C THR A 59 6.35 -12.85 -14.87
N TYR A 60 5.50 -13.80 -15.28
CA TYR A 60 5.83 -14.62 -16.45
C TYR A 60 6.05 -13.76 -17.68
N ALA A 61 5.19 -12.77 -17.89
CA ALA A 61 5.35 -11.85 -19.02
C ALA A 61 6.64 -11.08 -18.90
N ALA A 62 7.05 -10.80 -17.67
CA ALA A 62 8.26 -10.03 -17.45
C ALA A 62 9.49 -10.84 -17.85
N ILE A 63 9.39 -12.18 -17.82
CA ILE A 63 10.49 -13.00 -18.35
C ILE A 63 10.95 -12.57 -19.76
N ASN A 64 10.02 -12.45 -20.71
CA ASN A 64 10.38 -12.02 -22.08
C ASN A 64 10.07 -10.56 -22.37
N GLY A 65 9.66 -9.83 -21.34
CA GLY A 65 9.33 -8.42 -21.50
C GLY A 65 8.19 -8.19 -22.47
N VAL A 66 7.18 -9.05 -22.41
CA VAL A 66 5.97 -8.92 -23.23
C VAL A 66 4.73 -8.59 -22.38
N ALA A 67 3.56 -8.60 -23.00
CA ALA A 67 2.33 -8.29 -22.28
C ALA A 67 1.79 -9.52 -21.52
N ALA A 68 1.32 -9.28 -20.30
CA ALA A 68 0.67 -10.30 -19.50
C ALA A 68 -0.61 -10.79 -20.17
N GLN A 69 -0.81 -12.09 -20.23
CA GLN A 69 -2.03 -12.60 -20.82
C GLN A 69 -2.62 -13.69 -19.95
N PRO A 70 -3.95 -13.90 -20.05
CA PRO A 70 -4.63 -14.95 -19.31
C PRO A 70 -4.00 -16.33 -19.55
N ALA A 71 -3.97 -17.16 -18.51
CA ALA A 71 -3.38 -18.47 -18.62
C ALA A 71 -4.34 -19.44 -19.31
N ALA A 72 -3.77 -20.36 -20.09
CA ALA A 72 -4.53 -21.40 -20.74
C ALA A 72 -5.21 -22.31 -19.73
N GLY A 105 -3.79 -22.30 -28.86
CA GLY A 105 -3.84 -23.26 -27.77
C GLY A 105 -2.49 -23.79 -27.29
N ALA A 106 -1.41 -23.15 -27.73
CA ALA A 106 -0.06 -23.58 -27.37
C ALA A 106 0.52 -22.81 -26.18
N GLY A 107 -0.23 -21.81 -25.70
CA GLY A 107 0.20 -20.99 -24.59
C GLY A 107 0.39 -21.77 -23.30
N PRO A 108 1.08 -21.15 -22.32
CA PRO A 108 1.36 -21.78 -21.03
C PRO A 108 0.15 -21.82 -20.11
N THR A 109 -0.05 -22.93 -19.41
CA THR A 109 -1.07 -23.02 -18.38
C THR A 109 -0.57 -22.38 -17.09
N VAL A 110 -1.46 -22.22 -16.11
CA VAL A 110 -1.08 -21.70 -14.81
C VAL A 110 0.08 -22.51 -14.20
N SER A 111 -0.03 -23.83 -14.28
CA SER A 111 0.99 -24.73 -13.77
C SER A 111 2.32 -24.56 -14.50
N ALA A 112 2.24 -24.39 -15.81
CA ALA A 112 3.42 -24.10 -16.62
C ALA A 112 4.16 -22.85 -16.10
N MET A 113 3.43 -21.74 -16.00
CA MET A 113 4.01 -20.49 -15.52
C MET A 113 4.66 -20.65 -14.14
N GLU A 114 3.94 -21.34 -13.25
CA GLU A 114 4.46 -21.56 -11.91
C GLU A 114 5.76 -22.34 -11.98
N GLY A 115 5.80 -23.36 -12.82
CA GLY A 115 6.98 -24.18 -12.98
C GLY A 115 8.17 -23.37 -13.49
N GLU A 116 7.92 -22.44 -14.40
CA GLU A 116 8.96 -21.53 -14.87
C GLU A 116 9.48 -20.57 -13.79
N LEU A 117 8.59 -20.16 -12.88
CA LEU A 117 8.87 -18.97 -12.03
C LEU A 117 9.23 -19.27 -10.57
N ARG A 118 8.91 -20.49 -10.15
CA ARG A 118 8.98 -20.85 -8.75
C ARG A 118 10.36 -20.60 -8.13
N GLU A 119 11.40 -21.14 -8.76
CA GLU A 119 12.74 -21.07 -8.20
C GLU A 119 13.15 -19.62 -7.94
N GLY A 120 12.97 -18.76 -8.92
CA GLY A 120 13.30 -17.35 -8.78
C GLY A 120 12.50 -16.67 -7.70
N VAL A 121 11.22 -17.01 -7.58
CA VAL A 121 10.39 -16.36 -6.57
C VAL A 121 10.83 -16.78 -5.17
N MET A 122 11.14 -18.07 -5.00
CA MET A 122 11.66 -18.58 -3.73
C MET A 122 13.00 -17.96 -3.37
N ALA A 123 13.86 -17.78 -4.38
CA ALA A 123 15.16 -17.13 -4.16
C ALA A 123 14.98 -15.70 -3.64
N ILE A 124 14.06 -14.97 -4.27
CA ILE A 124 13.79 -13.59 -3.82
C ILE A 124 13.20 -13.58 -2.38
N LEU A 125 12.24 -14.45 -2.11
CA LEU A 125 11.65 -14.51 -0.78
C LEU A 125 12.71 -14.83 0.26
N ASP A 126 13.67 -15.65 -0.13
CA ASP A 126 14.78 -16.03 0.72
C ASP A 126 15.66 -14.83 1.08
N ALA A 127 16.11 -14.14 0.05
CA ALA A 127 16.97 -12.96 0.21
C ALA A 127 16.28 -11.87 1.05
N ILE A 128 14.99 -11.69 0.77
CA ILE A 128 14.16 -10.74 1.48
C ILE A 128 14.01 -11.15 2.94
N ALA A 129 13.89 -12.44 3.20
CA ALA A 129 13.80 -12.92 4.58
C ALA A 129 15.00 -12.45 5.35
N SER A 130 16.17 -12.67 4.77
CA SER A 130 17.40 -12.20 5.42
C SER A 130 17.38 -10.67 5.66
N GLU A 131 16.99 -9.89 4.64
CA GLU A 131 17.01 -8.43 4.85
C GLU A 131 15.98 -7.98 5.93
N PHE A 132 14.87 -8.71 6.02
CA PHE A 132 13.86 -8.48 7.06
C PHE A 132 14.46 -8.75 8.43
N GLU A 133 15.14 -9.88 8.62
CA GLU A 133 15.77 -10.14 9.91
C GLU A 133 16.66 -8.98 10.31
N ALA A 134 17.55 -8.60 9.40
CA ALA A 134 18.43 -7.45 9.66
C ALA A 134 17.64 -6.23 10.09
N PHE A 135 16.56 -5.95 9.37
CA PHE A 135 15.76 -4.75 9.61
C PHE A 135 15.04 -4.78 10.98
N ARG A 136 14.53 -5.96 11.32
CA ARG A 136 13.77 -6.22 12.52
C ARG A 136 14.64 -6.10 13.76
N LYS A 137 15.94 -6.42 13.62
CA LYS A 137 16.86 -6.19 14.74
C LYS A 137 16.90 -4.70 15.11
N LEU A 138 16.94 -3.83 14.11
CA LEU A 138 16.93 -2.41 14.37
C LEU A 138 15.52 -1.92 14.78
N GLN A 139 14.49 -2.64 14.36
CA GLN A 139 13.14 -2.31 14.81
C GLN A 139 13.03 -2.49 16.32
N ASP A 140 13.42 -3.68 16.77
CA ASP A 140 13.44 -3.99 18.19
C ASP A 140 14.33 -3.00 18.94
N LYS A 141 15.49 -2.66 18.36
CA LYS A 141 16.37 -1.68 18.98
C LYS A 141 15.65 -0.34 19.16
N LEU A 142 14.96 0.13 18.13
CA LEU A 142 14.27 1.42 18.19
C LEU A 142 13.13 1.45 19.20
N VAL A 143 12.26 0.45 19.15
CA VAL A 143 11.13 0.36 20.06
C VAL A 143 11.59 0.25 21.52
N GLY A 144 12.58 -0.61 21.78
CA GLY A 144 13.13 -0.75 23.12
C GLY A 144 13.76 0.55 23.60
N SER A 145 14.49 1.20 22.71
CA SER A 145 15.10 2.49 22.97
C SER A 145 14.06 3.51 23.42
N ARG A 146 12.96 3.63 22.66
CA ARG A 146 11.88 4.53 23.05
C ARG A 146 11.25 4.13 24.38
N LEU A 147 11.21 2.82 24.64
CA LEU A 147 10.64 2.32 25.89
C LEU A 147 11.51 2.72 27.09
N LYS A 148 12.81 2.89 26.87
CA LYS A 148 13.70 3.34 27.95
C LYS A 148 13.79 4.88 28.00
N GLY A 149 13.18 5.54 27.03
CA GLY A 149 13.16 6.99 27.00
C GLY A 149 14.09 7.60 25.97
N GLU A 150 15.18 6.91 25.63
CA GLU A 150 16.13 7.48 24.66
C GLU A 150 15.85 7.01 23.23
N ASP A 151 16.81 7.27 22.35
CA ASP A 151 16.62 7.01 20.93
C ASP A 151 17.79 6.22 20.35
N LEU A 152 17.55 5.63 19.18
CA LEU A 152 18.55 4.91 18.42
C LEU A 152 19.81 5.75 18.19
N SER A 153 20.97 5.11 18.28
CA SER A 153 22.24 5.78 17.96
C SER A 153 22.24 6.21 16.49
N ASP A 154 22.95 7.28 16.17
CA ASP A 154 22.94 7.84 14.82
C ASP A 154 23.32 6.79 13.77
N ALA A 155 24.25 5.91 14.13
CA ALA A 155 24.70 4.85 13.24
C ALA A 155 23.59 3.82 13.00
N ASP A 156 23.06 3.25 14.09
CA ASP A 156 21.94 2.32 14.04
C ASP A 156 20.75 2.88 13.23
N ARG A 157 20.58 4.19 13.33
CA ARG A 157 19.52 4.91 12.64
C ARG A 157 19.77 5.00 11.12
N LYS A 158 20.99 5.40 10.74
CA LYS A 158 21.36 5.43 9.32
C LYS A 158 21.24 4.04 8.68
N ALA A 159 21.63 3.02 9.45
CA ALA A 159 21.50 1.63 9.03
C ALA A 159 20.05 1.26 8.81
N TYR A 160 19.18 1.72 9.73
CA TYR A 160 17.73 1.58 9.61
C TYR A 160 17.26 2.14 8.26
N GLU A 161 17.66 3.37 7.98
CA GLU A 161 17.26 4.03 6.74
C GLU A 161 17.66 3.23 5.50
N GLY A 162 18.93 2.81 5.46
CA GLY A 162 19.43 2.01 4.36
C GLY A 162 18.66 0.72 4.13
N LEU A 163 18.55 -0.07 5.19
CA LEU A 163 17.78 -1.30 5.16
C LEU A 163 16.37 -1.08 4.60
N SER A 164 15.68 -0.04 5.11
CA SER A 164 14.34 0.30 4.63
C SER A 164 14.32 0.47 3.12
N ALA A 165 15.22 1.32 2.63
CA ALA A 165 15.30 1.59 1.20
C ALA A 165 15.51 0.30 0.37
N THR A 166 16.50 -0.50 0.77
CA THR A 166 16.85 -1.66 -0.06
C THR A 166 15.71 -2.67 -0.02
N ILE A 167 15.08 -2.79 1.13
CA ILE A 167 13.95 -3.70 1.28
C ILE A 167 12.76 -3.30 0.39
N ILE A 168 12.47 -2.00 0.34
CA ILE A 168 11.37 -1.51 -0.48
C ILE A 168 11.62 -1.85 -1.95
N GLN A 169 12.82 -1.52 -2.42
CA GLN A 169 13.24 -1.87 -3.79
C GLN A 169 13.08 -3.39 -4.11
N HIS A 170 13.59 -4.21 -3.19
CA HIS A 170 13.53 -5.67 -3.33
C HIS A 170 12.10 -6.22 -3.45
N LEU A 171 11.28 -5.81 -2.49
CA LEU A 171 9.88 -6.19 -2.47
C LEU A 171 9.23 -5.80 -3.78
N LYS A 172 9.60 -4.63 -4.31
CA LYS A 172 9.12 -4.24 -5.63
C LYS A 172 9.49 -5.31 -6.67
N THR A 173 10.70 -5.86 -6.62
CA THR A 173 10.99 -6.94 -7.59
C THR A 173 10.19 -8.23 -7.33
N LEU A 174 9.58 -8.37 -6.17
CA LEU A 174 8.78 -9.60 -5.97
C LEU A 174 7.43 -9.64 -6.71
N LYS A 175 6.90 -8.49 -7.14
CA LYS A 175 5.59 -8.44 -7.81
C LYS A 175 4.46 -9.14 -7.06
N LEU A 176 4.19 -8.72 -5.83
CA LEU A 176 3.11 -9.32 -5.05
C LEU A 176 1.73 -9.19 -5.71
N ASN A 177 0.96 -10.25 -5.58
CA ASN A 177 -0.47 -10.29 -5.85
C ASN A 177 -1.22 -9.12 -5.22
N ASN A 178 -2.20 -8.59 -5.93
CA ASN A 178 -3.00 -7.46 -5.46
C ASN A 178 -3.78 -7.79 -4.20
N ASN A 179 -4.31 -9.01 -4.15
CA ASN A 179 -5.03 -9.47 -2.97
C ASN A 179 -4.14 -9.52 -1.72
N ARG A 180 -2.86 -9.80 -1.90
CA ARG A 180 -1.94 -9.92 -0.78
C ARG A 180 -1.62 -8.56 -0.19
N ILE A 181 -1.42 -7.58 -1.07
CA ILE A 181 -1.22 -6.21 -0.70
C ILE A 181 -2.46 -5.65 -0.01
N GLU A 182 -3.63 -5.88 -0.60
CA GLU A 182 -4.87 -5.47 0.05
C GLU A 182 -5.02 -6.12 1.42
N ALA A 183 -4.61 -7.38 1.56
CA ALA A 183 -4.69 -8.04 2.86
C ALA A 183 -3.79 -7.32 3.88
N LEU A 184 -2.57 -6.99 3.47
CA LEU A 184 -1.66 -6.21 4.32
C LEU A 184 -2.27 -4.86 4.75
N VAL A 185 -2.86 -4.16 3.80
CA VAL A 185 -3.50 -2.89 4.07
C VAL A 185 -4.62 -3.05 5.11
N GLU A 186 -5.46 -4.07 4.90
CA GLU A 186 -6.53 -4.39 5.85
C GLU A 186 -5.98 -4.63 7.27
N GLN A 187 -4.95 -5.46 7.38
CA GLN A 187 -4.33 -5.74 8.68
C GLN A 187 -3.82 -4.46 9.38
N LEU A 188 -3.07 -3.66 8.62
CA LEU A 188 -2.58 -2.37 9.10
C LEU A 188 -3.71 -1.49 9.64
N TYR A 189 -4.77 -1.35 8.85
CA TYR A 189 -5.88 -0.46 9.22
C TYR A 189 -6.62 -0.99 10.45
N ALA A 190 -6.77 -2.30 10.54
CA ALA A 190 -7.38 -2.96 11.70
C ALA A 190 -6.66 -2.61 13.00
N ILE A 191 -5.34 -2.79 12.98
CA ILE A 191 -4.54 -2.34 14.11
C ILE A 191 -4.87 -0.88 14.43
N ASN A 192 -4.93 -0.06 13.39
CA ASN A 192 -5.20 1.36 13.62
C ASN A 192 -6.54 1.62 14.27
N LYS A 193 -7.54 0.80 13.95
CA LYS A 193 -8.86 0.95 14.55
C LYS A 193 -8.80 0.61 16.05
N ARG A 194 -8.04 -0.42 16.40
CA ARG A 194 -7.90 -0.74 17.82
C ARG A 194 -7.21 0.41 18.59
N LEU A 195 -6.17 0.97 17.97
CA LEU A 195 -5.47 2.12 18.57
C LEU A 195 -6.41 3.31 18.79
N ILE A 196 -7.21 3.61 17.78
CA ILE A 196 -8.12 4.75 17.88
C ILE A 196 -9.17 4.50 18.98
N GLY A 197 -9.53 3.24 19.18
CA GLY A 197 -10.44 2.90 20.27
C GLY A 197 -9.85 3.20 21.65
N LEU A 198 -8.64 2.66 21.88
CA LEU A 198 -7.94 2.91 23.14
C LEU A 198 -7.72 4.41 23.41
N GLU A 199 -7.42 5.16 22.36
CA GLU A 199 -7.19 6.59 22.53
C GLU A 199 -8.50 7.30 22.83
N GLY A 200 -9.59 6.82 22.26
CA GLY A 200 -10.91 7.35 22.59
C GLY A 200 -11.20 7.21 24.07
N ARG A 201 -10.93 6.01 24.59
CA ARG A 201 -11.14 5.78 26.01
C ARG A 201 -10.34 6.77 26.86
N LEU A 202 -9.02 6.84 26.62
CA LEU A 202 -8.21 7.80 27.37
C LEU A 202 -8.75 9.20 27.27
N LEU A 203 -9.27 9.56 26.09
CA LEU A 203 -9.78 10.90 25.86
C LEU A 203 -10.94 11.22 26.78
N ARG A 204 -11.97 10.37 26.79
CA ARG A 204 -13.13 10.68 27.64
C ARG A 204 -12.72 10.64 29.12
N LEU A 205 -11.87 9.67 29.46
CA LEU A 205 -11.33 9.60 30.81
C LEU A 205 -10.77 10.97 31.22
N ALA A 206 -9.84 11.49 30.43
CA ALA A 206 -9.26 12.80 30.72
C ALA A 206 -10.33 13.90 30.79
N ASP A 207 -11.32 13.81 29.91
CA ASP A 207 -12.42 14.76 29.87
C ASP A 207 -13.13 14.86 31.24
N SER A 208 -13.44 13.71 31.83
CA SER A 208 -14.12 13.70 33.11
C SER A 208 -13.37 14.45 34.24
N TYR A 209 -12.06 14.61 34.09
CA TYR A 209 -11.29 15.37 35.06
C TYR A 209 -11.12 16.81 34.57
N GLY A 210 -11.81 17.15 33.48
CA GLY A 210 -11.78 18.50 32.96
C GLY A 210 -10.57 18.82 32.11
N ILE A 211 -10.06 17.80 31.42
CA ILE A 211 -8.94 17.98 30.53
C ILE A 211 -9.43 17.89 29.08
N SER A 212 -9.34 19.01 28.37
CA SER A 212 -9.87 19.10 27.01
C SER A 212 -9.11 18.22 26.02
N ARG A 213 -9.72 17.99 24.85
CA ARG A 213 -9.12 17.20 23.80
C ARG A 213 -7.75 17.74 23.40
N GLY A 214 -7.67 19.04 23.17
CA GLY A 214 -6.41 19.65 22.80
C GLY A 214 -5.33 19.48 23.86
N GLU A 215 -5.71 19.73 25.10
CA GLU A 215 -4.77 19.63 26.22
C GLU A 215 -4.19 18.21 26.31
N PHE A 216 -5.09 17.24 26.25
CA PHE A 216 -4.74 15.84 26.34
C PHE A 216 -3.86 15.40 25.19
N LEU A 217 -4.30 15.66 23.96
CA LEU A 217 -3.58 15.20 22.78
C LEU A 217 -2.18 15.82 22.76
N LYS A 218 -2.06 17.07 23.15
CA LYS A 218 -0.73 17.67 23.17
C LYS A 218 0.12 17.01 24.26
N ALA A 219 -0.49 16.57 25.35
CA ALA A 219 0.32 15.91 26.39
C ALA A 219 0.62 14.44 26.05
N TYR A 220 -0.09 13.89 25.08
CA TYR A 220 -0.08 12.45 24.86
C TYR A 220 0.61 12.04 23.55
N PHE A 221 0.35 12.78 22.47
CA PHE A 221 0.95 12.47 21.18
C PHE A 221 2.47 12.49 21.26
N GLY A 222 3.09 11.37 20.90
CA GLY A 222 4.54 11.31 20.82
C GLY A 222 5.17 10.63 22.04
N SER A 223 4.40 10.47 23.11
CA SER A 223 4.96 9.92 24.33
C SER A 223 4.24 8.66 24.74
N GLU A 224 3.65 7.99 23.76
CA GLU A 224 2.86 6.80 24.03
C GLU A 224 3.69 5.65 24.61
N LEU A 225 5.01 5.70 24.38
CA LEU A 225 5.85 4.62 24.88
C LEU A 225 6.65 5.04 26.11
N ASN A 226 6.51 6.30 26.50
CA ASN A 226 7.23 6.83 27.66
C ASN A 226 6.80 6.13 28.95
N PRO A 227 7.79 5.52 29.63
CA PRO A 227 7.53 4.73 30.84
C PRO A 227 7.15 5.62 32.01
N THR A 228 7.69 6.85 32.04
CA THR A 228 7.43 7.76 33.15
C THR A 228 6.42 8.86 32.77
N TRP A 229 5.42 8.48 31.98
CA TRP A 229 4.47 9.47 31.48
C TRP A 229 3.58 9.97 32.60
N SER A 230 2.93 9.04 33.29
CA SER A 230 1.98 9.36 34.36
C SER A 230 2.59 10.25 35.43
N GLU A 231 3.88 10.03 35.73
CA GLU A 231 4.58 10.84 36.72
C GLU A 231 4.93 12.21 36.16
N GLN A 232 5.19 12.27 34.86
CA GLN A 232 5.59 13.52 34.24
C GLN A 232 4.42 14.45 34.02
N VAL A 233 3.23 13.91 33.75
CA VAL A 233 2.07 14.76 33.50
C VAL A 233 1.51 15.33 34.80
N LYS A 234 1.83 14.69 35.92
CA LYS A 234 1.41 15.17 37.23
C LYS A 234 1.81 16.62 37.42
N ALA A 235 3.01 16.96 36.96
CA ALA A 235 3.52 18.31 37.04
C ALA A 235 2.65 19.36 36.34
N MET A 236 1.69 18.91 35.53
CA MET A 236 0.77 19.83 34.84
C MET A 236 -0.38 20.33 35.74
N GLY A 237 -0.40 19.92 37.00
CA GLY A 237 -1.35 20.47 37.95
C GLY A 237 -2.34 19.50 38.59
N VAL A 238 -3.34 20.06 39.25
CA VAL A 238 -4.22 19.24 40.08
C VAL A 238 -5.15 18.36 39.23
N ARG A 239 -5.61 18.86 38.09
CA ARG A 239 -6.52 18.06 37.26
C ARG A 239 -5.82 16.81 36.73
N TRP A 240 -4.59 16.99 36.26
CA TRP A 240 -3.79 15.89 35.71
C TRP A 240 -3.38 14.90 36.78
N THR A 241 -3.01 15.44 37.95
CA THR A 241 -2.61 14.61 39.07
C THR A 241 -3.78 13.72 39.50
N LYS A 242 -4.97 14.32 39.62
CA LYS A 242 -6.16 13.56 39.98
C LYS A 242 -6.46 12.54 38.90
N PHE A 243 -6.27 12.96 37.65
CA PHE A 243 -6.49 12.08 36.51
C PHE A 243 -5.68 10.78 36.63
N VAL A 244 -4.37 10.89 36.75
CA VAL A 244 -3.52 9.70 36.68
C VAL A 244 -3.27 9.02 38.03
N GLU A 245 -3.69 9.65 39.13
CA GLU A 245 -3.62 8.99 40.43
C GLU A 245 -4.93 8.31 40.77
N ASN A 246 -6.04 9.06 40.72
CA ASN A 246 -7.34 8.52 41.09
C ASN A 246 -7.76 7.40 40.15
N ASP A 247 -7.39 7.55 38.87
CA ASP A 247 -7.81 6.60 37.85
C ASP A 247 -6.60 5.91 37.25
N SER A 248 -5.56 5.77 38.06
CA SER A 248 -4.28 5.17 37.63
C SER A 248 -4.47 3.80 36.98
N GLN A 249 -5.49 3.09 37.44
CA GLN A 249 -5.76 1.74 37.01
C GLN A 249 -6.10 1.70 35.53
N SER A 250 -7.22 2.35 35.20
CA SER A 250 -7.68 2.46 33.83
C SER A 250 -6.56 3.00 32.94
N VAL A 251 -5.91 4.08 33.40
CA VAL A 251 -4.88 4.75 32.62
C VAL A 251 -3.73 3.82 32.27
N THR A 252 -3.13 3.19 33.28
CA THR A 252 -2.02 2.27 33.04
C THR A 252 -2.44 1.05 32.21
N ASP A 253 -3.69 0.63 32.36
CA ASP A 253 -4.21 -0.48 31.58
C ASP A 253 -4.26 -0.14 30.10
N ILE A 254 -4.94 0.96 29.78
CA ILE A 254 -5.07 1.40 28.41
C ILE A 254 -3.70 1.66 27.81
N ARG A 255 -2.82 2.33 28.54
CA ARG A 255 -1.50 2.63 28.00
C ARG A 255 -0.69 1.35 27.78
N SER A 256 -1.01 0.31 28.57
CA SER A 256 -0.41 -1.01 28.38
C SER A 256 -0.88 -1.65 27.09
N GLU A 257 -2.19 -1.67 26.88
CA GLU A 257 -2.74 -2.14 25.61
C GLU A 257 -2.13 -1.43 24.40
N ILE A 258 -2.15 -0.09 24.42
CA ILE A 258 -1.52 0.72 23.38
C ILE A 258 -0.08 0.31 23.12
N ALA A 259 0.70 0.23 24.19
CA ALA A 259 2.09 -0.22 24.11
C ALA A 259 2.18 -1.62 23.46
N ALA A 260 1.15 -2.42 23.68
CA ALA A 260 1.11 -3.76 23.10
C ALA A 260 0.90 -3.64 21.60
N LEU A 261 0.12 -2.67 21.14
CA LEU A 261 0.05 -2.44 19.70
C LEU A 261 1.43 -2.11 19.18
N ALA A 262 2.10 -1.16 19.84
CA ALA A 262 3.46 -0.81 19.42
C ALA A 262 4.37 -2.04 19.35
N THR A 263 4.09 -3.04 20.18
CA THR A 263 4.87 -4.26 20.18
C THR A 263 4.47 -5.17 19.02
N GLU A 264 3.16 -5.23 18.76
CA GLU A 264 2.59 -6.11 17.76
C GLU A 264 2.95 -5.66 16.34
N THR A 265 3.35 -4.40 16.18
CA THR A 265 3.72 -3.86 14.86
C THR A 265 5.19 -3.51 14.73
N GLY A 266 5.95 -3.62 15.81
CA GLY A 266 7.35 -3.25 15.78
C GLY A 266 7.70 -1.80 15.47
N VAL A 267 6.75 -0.88 15.63
CA VAL A 267 7.08 0.55 15.50
C VAL A 267 6.46 1.34 16.66
N PRO A 268 7.07 2.49 17.01
CA PRO A 268 6.45 3.39 17.98
C PRO A 268 5.09 3.86 17.47
N ILE A 269 4.23 4.34 18.37
CA ILE A 269 2.87 4.69 18.00
C ILE A 269 2.78 5.84 17.01
N ASP A 270 3.58 6.90 17.20
CA ASP A 270 3.49 8.06 16.34
C ASP A 270 3.95 7.72 14.91
N ASP A 271 4.96 6.85 14.82
CA ASP A 271 5.38 6.30 13.55
C ASP A 271 4.24 5.52 12.91
N TYR A 272 3.51 4.76 13.70
CA TYR A 272 2.41 3.97 13.16
C TYR A 272 1.33 4.87 12.58
N ARG A 273 1.09 5.98 13.28
CA ARG A 273 0.18 7.01 12.82
C ARG A 273 0.59 7.47 11.42
N ARG A 274 1.87 7.78 11.28
CA ARG A 274 2.37 8.27 9.99
C ARG A 274 2.28 7.21 8.89
N ILE A 275 2.64 5.98 9.21
CA ILE A 275 2.58 4.86 8.28
C ILE A 275 1.17 4.72 7.73
N VAL A 276 0.19 4.80 8.64
CA VAL A 276 -1.18 4.62 8.23
C VAL A 276 -1.57 5.75 7.27
N GLN A 277 -1.17 6.98 7.57
CA GLN A 277 -1.53 8.08 6.66
C GLN A 277 -0.83 7.94 5.29
N THR A 278 0.39 7.43 5.33
CA THR A 278 1.20 7.22 4.16
C THR A 278 0.49 6.23 3.25
N VAL A 279 0.15 5.09 3.83
CA VAL A 279 -0.52 4.05 3.07
C VAL A 279 -1.85 4.54 2.54
N GLN A 280 -2.61 5.29 3.35
CA GLN A 280 -3.92 5.78 2.88
C GLN A 280 -3.76 6.68 1.66
N LYS A 281 -2.79 7.57 1.75
CA LYS A 281 -2.51 8.48 0.66
C LYS A 281 -2.16 7.76 -0.65
N GLY A 282 -1.18 6.85 -0.57
CA GLY A 282 -0.80 6.07 -1.74
C GLY A 282 -1.97 5.31 -2.31
N GLU A 283 -2.75 4.69 -1.43
CA GLU A 283 -3.92 3.91 -1.80
C GLU A 283 -4.92 4.77 -2.59
N ARG A 284 -5.20 5.97 -2.09
CA ARG A 284 -6.14 6.85 -2.77
C ARG A 284 -5.64 7.30 -4.15
N GLU A 285 -4.34 7.62 -4.26
CA GLU A 285 -3.79 7.95 -5.57
C GLU A 285 -3.95 6.79 -6.56
N ALA A 286 -3.58 5.58 -6.12
CA ALA A 286 -3.65 4.43 -7.00
C ALA A 286 -5.07 4.15 -7.43
N ARG A 287 -5.98 4.25 -6.47
CA ARG A 287 -7.39 3.97 -6.72
C ARG A 287 -7.95 4.96 -7.75
N GLN A 288 -7.62 6.23 -7.57
CA GLN A 288 -8.14 7.26 -8.48
C GLN A 288 -7.60 7.06 -9.90
N ALA A 289 -6.29 6.87 -10.01
CA ALA A 289 -5.69 6.64 -11.31
C ALA A 289 -6.36 5.44 -12.03
N LYS A 290 -6.50 4.34 -11.31
CA LYS A 290 -7.16 3.15 -11.87
C LYS A 290 -8.59 3.45 -12.33
N LYS A 291 -9.36 4.11 -11.47
CA LYS A 291 -10.70 4.54 -11.82
C LYS A 291 -10.73 5.33 -13.15
N GLU A 292 -9.89 6.36 -13.26
CA GLU A 292 -9.74 7.12 -14.51
C GLU A 292 -9.51 6.22 -15.70
N MET A 293 -8.59 5.27 -15.55
CA MET A 293 -8.30 4.34 -16.63
C MET A 293 -9.50 3.47 -17.05
N VAL A 294 -10.25 2.97 -16.06
CA VAL A 294 -11.42 2.12 -16.33
C VAL A 294 -12.49 2.94 -17.07
N GLU A 295 -12.79 4.11 -16.52
CA GLU A 295 -13.74 5.03 -17.14
C GLU A 295 -13.34 5.30 -18.59
N ALA A 296 -12.05 5.58 -18.80
CA ALA A 296 -11.55 5.89 -20.13
C ALA A 296 -11.57 4.68 -21.06
N ASN A 297 -11.79 3.48 -20.54
CA ASN A 297 -11.85 2.31 -21.43
C ASN A 297 -13.21 1.58 -21.46
N LEU A 298 -14.22 2.22 -20.89
CA LEU A 298 -15.61 1.76 -21.00
C LEU A 298 -16.07 1.39 -22.42
N ARG A 299 -15.77 2.27 -23.38
CA ARG A 299 -16.13 2.03 -24.78
C ARG A 299 -15.62 0.67 -25.24
N LEU A 300 -14.34 0.40 -24.94
CA LEU A 300 -13.73 -0.87 -25.29
C LEU A 300 -14.51 -2.03 -24.67
N VAL A 301 -14.77 -1.91 -23.36
CA VAL A 301 -15.55 -2.93 -22.66
C VAL A 301 -16.87 -3.23 -23.38
N ILE A 302 -17.63 -2.18 -23.66
CA ILE A 302 -18.91 -2.30 -24.37
C ILE A 302 -18.76 -3.01 -25.72
N SER A 303 -17.80 -2.55 -26.51
CA SER A 303 -17.59 -3.11 -27.83
C SER A 303 -17.26 -4.60 -27.75
N ILE A 304 -16.74 -5.03 -26.60
CA ILE A 304 -16.51 -6.47 -26.42
C ILE A 304 -17.77 -7.18 -25.89
N ALA A 305 -18.57 -6.47 -25.11
CA ALA A 305 -19.78 -7.05 -24.55
C ALA A 305 -20.81 -7.34 -25.64
N LYS A 306 -20.87 -6.48 -26.66
CA LYS A 306 -21.80 -6.65 -27.78
C LYS A 306 -21.62 -7.98 -28.50
N LYS A 307 -20.40 -8.51 -28.46
CA LYS A 307 -20.10 -9.79 -29.11
C LYS A 307 -20.55 -11.00 -28.28
N TYR A 308 -21.19 -10.75 -27.14
CA TYR A 308 -21.60 -11.84 -26.25
C TYR A 308 -23.00 -11.59 -25.69
N THR A 309 -23.91 -11.19 -26.56
CA THR A 309 -25.23 -10.72 -26.13
C THR A 309 -26.18 -11.84 -25.75
N ASN A 310 -26.27 -12.87 -26.60
CA ASN A 310 -27.29 -13.89 -26.42
C ASN A 310 -26.79 -15.13 -25.67
N ARG A 311 -25.62 -15.02 -25.04
CA ARG A 311 -24.94 -16.19 -24.49
C ARG A 311 -25.35 -16.48 -23.06
N GLY A 312 -26.47 -15.92 -22.63
CA GLY A 312 -27.02 -16.22 -21.33
C GLY A 312 -27.16 -15.03 -20.39
N LEU A 313 -26.40 -13.97 -20.63
CA LEU A 313 -26.36 -12.85 -19.70
C LEU A 313 -26.92 -11.54 -20.25
N GLN A 314 -27.35 -10.68 -19.34
CA GLN A 314 -27.83 -9.34 -19.67
C GLN A 314 -26.66 -8.48 -20.13
N PHE A 315 -26.94 -7.42 -20.88
CA PHE A 315 -25.88 -6.53 -21.37
C PHE A 315 -25.09 -5.87 -20.24
N LEU A 316 -25.79 -5.44 -19.20
CA LEU A 316 -25.14 -4.80 -18.05
C LEU A 316 -24.24 -5.76 -17.28
N ASP A 317 -24.66 -7.02 -17.18
CA ASP A 317 -23.84 -8.04 -16.55
C ASP A 317 -22.55 -8.21 -17.33
N LEU A 318 -22.70 -8.36 -18.64
CA LEU A 318 -21.56 -8.45 -19.56
C LEU A 318 -20.61 -7.28 -19.36
N ILE A 319 -21.18 -6.09 -19.19
CA ILE A 319 -20.39 -4.89 -18.97
C ILE A 319 -19.60 -5.00 -17.67
N GLN A 320 -20.28 -5.29 -16.57
CA GLN A 320 -19.63 -5.34 -15.26
C GLN A 320 -18.51 -6.38 -15.21
N GLU A 321 -18.76 -7.55 -15.81
CA GLU A 321 -17.75 -8.59 -15.89
C GLU A 321 -16.56 -8.10 -16.70
N GLY A 322 -16.86 -7.60 -17.90
CA GLY A 322 -15.86 -6.99 -18.76
C GLY A 322 -15.02 -5.99 -17.99
N ASN A 323 -15.65 -5.24 -17.10
CA ASN A 323 -14.97 -4.26 -16.27
C ASN A 323 -14.06 -4.91 -15.24
N ILE A 324 -14.50 -6.03 -14.68
CA ILE A 324 -13.62 -6.79 -13.78
C ILE A 324 -12.34 -7.13 -14.53
N GLY A 325 -12.52 -7.68 -15.73
CA GLY A 325 -11.39 -7.98 -16.62
C GLY A 325 -10.52 -6.77 -16.96
N LEU A 326 -11.16 -5.63 -17.19
CA LEU A 326 -10.44 -4.41 -17.51
C LEU A 326 -9.54 -4.05 -16.33
N MET A 327 -10.13 -4.07 -15.15
CA MET A 327 -9.44 -3.73 -13.91
C MET A 327 -8.23 -4.63 -13.68
N LYS A 328 -8.36 -5.89 -14.09
CA LYS A 328 -7.24 -6.83 -14.02
C LYS A 328 -6.11 -6.44 -15.01
N ALA A 329 -6.52 -6.09 -16.23
CA ALA A 329 -5.57 -5.58 -17.21
C ALA A 329 -4.83 -4.35 -16.69
N VAL A 330 -5.54 -3.48 -15.98
CA VAL A 330 -4.92 -2.32 -15.38
C VAL A 330 -3.92 -2.74 -14.31
N ASP A 331 -4.32 -3.66 -13.44
CA ASP A 331 -3.41 -4.12 -12.39
C ASP A 331 -2.10 -4.66 -12.97
N LYS A 332 -2.19 -5.40 -14.07
CA LYS A 332 -0.99 -6.08 -14.58
C LYS A 332 -0.24 -5.30 -15.68
N PHE A 333 -0.75 -4.13 -16.05
CA PHE A 333 -0.20 -3.36 -17.14
C PHE A 333 1.22 -2.86 -16.88
N GLU A 334 2.14 -3.13 -17.79
CA GLU A 334 3.49 -2.60 -17.67
C GLU A 334 3.80 -1.67 -18.83
N TYR A 335 3.79 -0.37 -18.55
CA TYR A 335 3.90 0.67 -19.58
C TYR A 335 5.30 0.66 -20.21
N ARG A 336 6.31 0.31 -19.42
CA ARG A 336 7.69 0.34 -19.91
C ARG A 336 7.95 -0.57 -21.11
N ARG A 337 7.08 -1.55 -21.34
CA ARG A 337 7.35 -2.57 -22.36
C ARG A 337 6.80 -2.21 -23.75
N GLY A 338 6.09 -1.08 -23.86
CA GLY A 338 5.71 -0.53 -25.15
C GLY A 338 4.50 -1.12 -25.86
N TYR A 339 3.92 -2.17 -25.31
CA TYR A 339 2.79 -2.80 -25.99
C TYR A 339 1.52 -1.97 -25.81
N LYS A 340 0.66 -2.00 -26.82
CA LYS A 340 -0.56 -1.18 -26.83
C LYS A 340 -1.56 -1.68 -25.78
N PHE A 341 -2.11 -0.75 -25.01
CA PHE A 341 -2.96 -1.12 -23.91
C PHE A 341 -4.28 -1.80 -24.32
N SER A 342 -5.04 -1.20 -25.21
CA SER A 342 -6.38 -1.73 -25.55
C SER A 342 -6.42 -3.16 -26.08
N THR A 343 -5.46 -3.51 -26.95
CA THR A 343 -5.49 -4.84 -27.56
C THR A 343 -5.08 -5.89 -26.53
N TYR A 344 -4.17 -5.50 -25.63
CA TYR A 344 -3.81 -6.29 -24.46
C TYR A 344 -4.98 -6.48 -23.48
N ALA A 345 -5.69 -5.39 -23.19
CA ALA A 345 -6.78 -5.40 -22.22
C ALA A 345 -7.89 -6.28 -22.71
N THR A 346 -8.05 -6.32 -24.03
CA THR A 346 -9.10 -7.11 -24.66
C THR A 346 -9.09 -8.57 -24.17
N TRP A 347 -7.91 -9.17 -24.07
CA TRP A 347 -7.81 -10.55 -23.56
C TRP A 347 -8.42 -10.74 -22.16
N TRP A 348 -8.18 -9.78 -21.26
CA TRP A 348 -8.63 -9.90 -19.87
C TRP A 348 -10.11 -9.60 -19.72
N ILE A 349 -10.56 -8.56 -20.39
CA ILE A 349 -11.98 -8.29 -20.50
C ILE A 349 -12.73 -9.53 -20.99
N ARG A 350 -12.28 -10.04 -22.13
CA ARG A 350 -12.87 -11.22 -22.74
C ARG A 350 -12.88 -12.40 -21.79
N GLN A 351 -11.76 -12.63 -21.11
CA GLN A 351 -11.67 -13.76 -20.17
C GLN A 351 -12.71 -13.63 -19.06
N ALA A 352 -12.85 -12.43 -18.50
CA ALA A 352 -13.82 -12.21 -17.43
C ALA A 352 -15.25 -12.48 -17.90
N ILE A 353 -15.56 -11.98 -19.09
CA ILE A 353 -16.89 -12.19 -19.66
C ILE A 353 -17.16 -13.69 -19.87
N THR A 354 -16.27 -14.35 -20.59
CA THR A 354 -16.40 -15.77 -20.86
C THR A 354 -16.54 -16.61 -19.60
N ARG A 355 -15.67 -16.36 -18.63
CA ARG A 355 -15.74 -17.09 -17.37
C ARG A 355 -17.11 -16.95 -16.72
N SER A 356 -17.62 -15.72 -16.66
CA SER A 356 -18.94 -15.52 -16.07
C SER A 356 -20.00 -16.33 -16.80
N ILE A 357 -19.84 -16.47 -18.11
CA ILE A 357 -20.76 -17.25 -18.93
C ILE A 357 -20.59 -18.74 -18.68
N PRO B 22 10.71 19.09 -13.75
CA PRO B 22 10.70 18.49 -12.41
C PRO B 22 9.76 19.24 -11.46
N GLY B 23 8.57 18.69 -11.26
CA GLY B 23 7.50 19.36 -10.56
C GLY B 23 7.65 19.55 -9.06
N SER B 24 6.59 20.06 -8.43
CA SER B 24 6.66 20.51 -7.06
C SER B 24 5.90 19.61 -6.08
N ALA B 25 5.91 18.31 -6.34
CA ALA B 25 5.21 17.37 -5.47
C ALA B 25 5.70 15.92 -5.54
N THR B 26 5.52 15.22 -4.42
CA THR B 26 5.65 13.77 -4.31
C THR B 26 4.25 13.23 -4.06
N VAL B 27 4.10 11.92 -3.90
CA VAL B 27 2.76 11.37 -3.59
C VAL B 27 2.25 11.92 -2.26
N LEU B 28 3.15 12.00 -1.29
CA LEU B 28 2.81 12.51 0.04
C LEU B 28 2.37 13.97 0.00
N THR B 29 3.22 14.82 -0.58
CA THR B 29 2.97 16.24 -0.63
C THR B 29 1.96 16.63 -1.71
N LEU B 30 1.45 15.65 -2.44
CA LEU B 30 0.55 15.93 -3.55
C LEU B 30 -0.83 16.33 -3.05
N GLY B 31 -1.06 17.64 -2.90
CA GLY B 31 -2.35 18.13 -2.44
C GLY B 31 -3.43 17.96 -3.49
N ALA B 32 -4.66 18.34 -3.16
CA ALA B 32 -5.75 18.27 -4.12
C ALA B 32 -5.73 19.53 -4.97
N HIS B 33 -6.40 19.46 -6.12
CA HIS B 33 -6.35 20.52 -7.14
C HIS B 33 -4.91 20.79 -7.62
N MET B 34 -4.02 19.83 -7.36
CA MET B 34 -2.66 19.91 -7.89
C MET B 34 -2.50 18.92 -9.03
N CYS B 35 -1.65 19.25 -9.99
CA CYS B 35 -1.52 18.44 -11.20
C CYS B 35 -0.81 17.12 -10.91
N LYS B 36 -1.47 16.02 -11.26
CA LYS B 36 -0.97 14.68 -10.95
C LYS B 36 -0.06 14.10 -12.04
N TRP B 37 0.35 14.95 -12.98
CA TRP B 37 1.22 14.52 -14.08
C TRP B 37 2.54 14.01 -13.54
N PRO B 38 2.84 12.73 -13.81
CA PRO B 38 4.07 12.18 -13.27
C PRO B 38 5.29 12.51 -14.14
N ILE B 39 6.39 12.89 -13.51
CA ILE B 39 7.63 13.23 -14.21
C ILE B 39 8.75 12.26 -13.80
N GLY B 40 9.34 11.59 -14.78
CA GLY B 40 10.38 10.63 -14.50
C GLY B 40 9.88 9.23 -14.19
N ASP B 41 10.80 8.36 -13.81
CA ASP B 41 10.47 6.98 -13.48
C ASP B 41 10.06 6.85 -12.01
N PRO B 42 8.91 6.21 -11.77
CA PRO B 42 8.46 5.97 -10.39
C PRO B 42 9.53 5.27 -9.53
N SER B 43 10.38 4.42 -10.11
CA SER B 43 11.45 3.79 -9.32
C SER B 43 12.59 4.76 -8.99
N SER B 44 12.59 5.93 -9.62
CA SER B 44 13.66 6.90 -9.41
C SER B 44 13.46 7.70 -8.13
N GLU B 45 14.56 7.98 -7.44
CA GLU B 45 14.51 8.75 -6.21
C GLU B 45 14.07 10.20 -6.49
N GLY B 46 14.33 10.67 -7.70
CA GLY B 46 13.98 12.02 -8.09
C GLY B 46 12.63 12.18 -8.76
N PHE B 47 11.83 11.12 -8.70
CA PHE B 47 10.46 11.16 -9.24
C PHE B 47 9.60 12.27 -8.62
N THR B 48 8.85 12.98 -9.45
CA THR B 48 7.94 14.03 -8.98
C THR B 48 6.63 14.06 -9.75
N PHE B 49 5.70 14.89 -9.30
CA PHE B 49 4.50 15.22 -10.06
C PHE B 49 4.55 16.70 -10.41
N CYS B 50 3.92 17.09 -11.51
CA CYS B 50 3.86 18.49 -11.94
C CYS B 50 3.45 19.41 -10.77
N GLY B 51 2.24 19.22 -10.26
CA GLY B 51 1.85 19.86 -9.02
C GLY B 51 1.40 21.30 -9.16
N ARG B 52 1.27 21.77 -10.40
CA ARG B 52 0.73 23.09 -10.65
C ARG B 52 -0.78 23.01 -10.53
N ARG B 53 -1.47 24.15 -10.64
CA ARG B 53 -2.90 24.17 -10.38
C ARG B 53 -3.66 23.32 -11.41
N SER B 54 -4.41 22.38 -10.89
CA SER B 54 -5.22 21.50 -11.71
C SER B 54 -6.52 22.20 -12.06
N SER B 55 -7.08 21.85 -13.21
CA SER B 55 -8.31 22.46 -13.66
C SER B 55 -9.21 21.42 -14.33
N GLU B 56 -10.32 21.11 -13.66
CA GLU B 56 -11.29 20.14 -14.17
C GLU B 56 -10.64 18.79 -14.49
N GLY B 57 -10.15 18.11 -13.47
CA GLY B 57 -9.49 16.82 -13.66
C GLY B 57 -8.24 16.71 -12.80
N PRO B 58 -7.41 15.69 -13.10
CA PRO B 58 -6.16 15.50 -12.35
C PRO B 58 -5.03 16.42 -12.83
N TYR B 59 -5.24 17.11 -13.93
CA TYR B 59 -4.14 17.78 -14.63
C TYR B 59 -4.35 19.26 -14.93
N CYS B 60 -3.27 20.03 -14.92
CA CYS B 60 -3.26 21.35 -15.52
C CYS B 60 -3.63 21.23 -16.99
N VAL B 61 -3.95 22.37 -17.61
CA VAL B 61 -4.35 22.39 -19.03
C VAL B 61 -3.29 21.74 -19.95
N GLU B 62 -2.02 22.07 -19.74
CA GLU B 62 -0.95 21.55 -20.58
C GLU B 62 -0.90 20.00 -20.58
N HIS B 63 -0.91 19.45 -19.37
CA HIS B 63 -0.80 18.00 -19.22
C HIS B 63 -2.10 17.30 -19.52
N ALA B 64 -3.22 18.00 -19.36
CA ALA B 64 -4.50 17.46 -19.83
C ALA B 64 -4.45 17.30 -21.34
N ARG B 65 -3.86 18.28 -22.02
CA ARG B 65 -3.70 18.22 -23.48
C ARG B 65 -2.83 17.02 -23.88
N VAL B 66 -1.71 16.84 -23.19
CA VAL B 66 -0.87 15.68 -23.48
C VAL B 66 -1.61 14.35 -23.22
N ALA B 67 -2.37 14.31 -22.13
CA ALA B 67 -2.99 13.09 -21.63
C ALA B 67 -4.18 12.60 -22.45
N TYR B 68 -4.92 13.50 -23.10
CA TYR B 68 -6.17 13.08 -23.75
C TYR B 68 -6.21 13.29 -25.25
N GLN B 69 -7.16 12.58 -25.85
CA GLN B 69 -7.47 12.59 -27.27
C GLN B 69 -6.47 11.78 -28.06
O6 BU3 C . -5.96 -25.15 -18.75
C3 BU3 C . -6.49 -25.35 -17.45
C4 BU3 C . -7.21 -24.10 -16.99
C2 BU3 C . -5.38 -25.72 -16.49
O5 BU3 C . -5.00 -27.07 -16.69
C1 BU3 C . -5.82 -25.53 -15.06
O6 BU3 D . 7.11 11.16 -20.06
C3 BU3 D . 5.96 10.38 -19.79
C4 BU3 D . 5.14 10.27 -21.07
C2 BU3 D . 5.16 11.03 -18.66
O5 BU3 D . 5.82 10.81 -17.43
C1 BU3 D . 3.77 10.43 -18.56
ZN ZN E . 0.74 19.77 -15.04
#